data_1UXQ
#
_entry.id   1UXQ
#
_cell.length_a   185.080
_cell.length_b   185.080
_cell.length_c   132.630
_cell.angle_alpha   90.00
_cell.angle_beta   90.00
_cell.angle_gamma   120.00
#
_symmetry.space_group_name_H-M   'P 62 2 2'
#
loop_
_entity.id
_entity.type
_entity.pdbx_description
1 polymer 'GLYCERALDEHYDE-3-PHOSPHATE DEHYDROGENASE (NADP+)'
2 non-polymer 'NADP NICOTINAMIDE-ADENINE-DINUCLEOTIDE PHOSPHATE'
3 non-polymer 1-O-phosphono-alpha-D-glucopyranose
4 non-polymer 'SODIUM ION'
5 water water
#
_entity_poly.entity_id   1
_entity_poly.type   'polypeptide(L)'
_entity_poly.pdbx_seq_one_letter_code
;MRAGLLEGVIKEKGGVPVYPSYLAGEWGGSGQEIEVKSPIDLATIAKVISPSREEVERTLDVLFKRGRWSARDMPGTERL
AVLRKAADIIERNLDVFAEVLVMNAGKPKSAAVGEVKAAVDRLRLAELDLKKIGGDYIPGDWTYDTLETEGLVRREPLGV
VAAITPFNYPLFDAVNKITYSFIYGNAVVVKPSISDPLPAAMAVKALLDAGFPPDAIALLNLPGKEAEKIVADDRVAAVS
FTGSTEVGERVVKVGGVKQYVMELGGGDPAIVLEDADLDLAADKIARGIYSYAGQRCDAIKLVLAERPVYGKLVEEVAKR
LSSLRVGDPRDPTVDVGPLISPSAVDEMMAAIEDAVEKGGRVLAGGRRLGPTYVQPTFVEAPADRVKDMVLYKREVFAPV
ALAVEVKDLDQAIELANGRPYGLDAAVFGRDVVKIRRAVRLLEVGAIYINDMPRHGIGYYPFGGRKKSGVFREGIGYAVE
AVTAYKTIVFNYKGKGVWKYE
;
_entity_poly.pdbx_strand_id   A
#
loop_
_chem_comp.id
_chem_comp.type
_chem_comp.name
_chem_comp.formula
G1P D-saccharide 1-O-phosphono-alpha-D-glucopyranose 'C6 H13 O9 P'
NA non-polymer 'SODIUM ION' 'Na 1'
NAP non-polymer 'NADP NICOTINAMIDE-ADENINE-DINUCLEOTIDE PHOSPHATE' 'C21 H28 N7 O17 P3'
#
# COMPACT_ATOMS: atom_id res chain seq x y z
N ALA A 3 19.21 4.19 15.06
CA ALA A 3 20.64 4.65 15.01
C ALA A 3 20.73 6.16 14.71
N GLY A 4 21.22 6.94 15.68
CA GLY A 4 21.36 8.39 15.51
C GLY A 4 20.03 9.08 15.76
N LEU A 5 19.05 8.71 14.93
CA LEU A 5 17.71 9.23 15.00
C LEU A 5 17.08 8.53 16.18
N LEU A 6 17.45 7.26 16.35
CA LEU A 6 16.94 6.43 17.43
C LEU A 6 17.94 6.19 18.55
N GLU A 7 18.96 7.05 18.64
CA GLU A 7 19.97 6.89 19.68
C GLU A 7 19.47 6.60 21.09
N GLY A 8 18.53 7.41 21.59
CA GLY A 8 18.06 7.14 22.94
C GLY A 8 16.95 6.11 23.04
N VAL A 9 16.42 5.70 21.89
CA VAL A 9 15.31 4.75 21.85
C VAL A 9 15.73 3.28 21.89
N ILE A 10 16.53 2.88 20.92
CA ILE A 10 17.03 1.52 20.80
C ILE A 10 17.87 1.08 22.00
N LYS A 11 17.67 -0.15 22.44
CA LYS A 11 18.44 -0.71 23.55
C LYS A 11 19.27 -1.87 23.02
N GLU A 12 20.59 -1.81 23.15
CA GLU A 12 21.40 -2.94 22.68
C GLU A 12 21.50 -3.96 23.81
N LYS A 13 20.58 -4.91 23.81
CA LYS A 13 20.55 -5.97 24.81
C LYS A 13 21.08 -7.23 24.14
N GLY A 14 22.15 -7.79 24.71
CA GLY A 14 22.73 -9.00 24.15
C GLY A 14 23.10 -8.90 22.69
N GLY A 15 23.84 -7.85 22.34
CA GLY A 15 24.28 -7.66 20.96
C GLY A 15 23.28 -7.40 19.84
N VAL A 16 21.99 -7.43 20.13
CA VAL A 16 21.00 -7.20 19.09
C VAL A 16 20.18 -5.96 19.40
N PRO A 17 20.17 -4.96 18.51
CA PRO A 17 19.38 -3.76 18.81
C PRO A 17 17.92 -4.11 19.10
N VAL A 18 17.41 -3.64 20.23
CA VAL A 18 16.02 -3.90 20.63
C VAL A 18 15.14 -2.65 20.47
N TYR A 19 14.27 -2.67 19.46
CA TYR A 19 13.36 -1.56 19.15
C TYR A 19 12.05 -1.64 19.96
N PRO A 20 11.80 -0.64 20.83
CA PRO A 20 10.56 -0.68 21.61
C PRO A 20 9.36 -0.07 20.83
N SER A 21 8.16 -0.32 21.33
CA SER A 21 6.96 0.23 20.70
C SER A 21 6.82 1.66 21.17
N TYR A 22 6.09 2.49 20.43
CA TYR A 22 5.88 3.85 20.89
C TYR A 22 4.44 3.88 21.44
N LEU A 23 4.31 4.10 22.75
CA LEU A 23 3.02 4.10 23.42
C LEU A 23 2.30 5.44 23.62
N ALA A 24 2.26 6.24 22.56
CA ALA A 24 1.59 7.54 22.59
C ALA A 24 2.06 8.37 23.78
N GLY A 25 3.36 8.65 23.80
CA GLY A 25 3.92 9.43 24.88
C GLY A 25 5.34 9.03 25.17
N GLU A 26 5.56 7.73 25.34
CA GLU A 26 6.88 7.20 25.66
C GLU A 26 7.16 5.91 24.91
N TRP A 27 8.42 5.70 24.55
CA TRP A 27 8.83 4.47 23.87
C TRP A 27 8.97 3.44 24.98
N GLY A 28 8.55 2.21 24.74
CA GLY A 28 8.64 1.22 25.78
C GLY A 28 8.05 -0.10 25.35
N GLY A 29 7.36 -0.73 26.29
CA GLY A 29 6.75 -2.03 26.02
C GLY A 29 7.26 -3.07 27.00
N SER A 30 6.34 -3.83 27.58
CA SER A 30 6.72 -4.86 28.52
C SER A 30 6.11 -6.19 28.10
N GLY A 31 5.87 -6.34 26.81
CA GLY A 31 5.30 -7.57 26.30
C GLY A 31 6.42 -8.43 25.76
N GLN A 32 6.08 -9.57 25.17
CA GLN A 32 7.09 -10.47 24.61
C GLN A 32 7.98 -9.72 23.63
N GLU A 33 9.24 -10.16 23.51
CA GLU A 33 10.17 -9.55 22.58
C GLU A 33 10.11 -10.44 21.34
N ILE A 34 10.26 -9.84 20.16
CA ILE A 34 10.17 -10.63 18.94
C ILE A 34 11.33 -10.32 18.02
N GLU A 35 11.90 -11.36 17.44
CA GLU A 35 13.05 -11.20 16.57
C GLU A 35 12.64 -10.75 15.19
N VAL A 36 13.44 -9.85 14.63
CA VAL A 36 13.21 -9.33 13.30
C VAL A 36 14.36 -9.88 12.48
N LYS A 37 14.04 -10.58 11.41
CA LYS A 37 15.09 -11.16 10.61
C LYS A 37 15.22 -10.55 9.24
N SER A 38 16.36 -10.76 8.60
CA SER A 38 16.57 -10.24 7.27
C SER A 38 16.36 -11.36 6.28
N PRO A 39 15.71 -11.08 5.14
CA PRO A 39 15.48 -12.12 4.14
C PRO A 39 16.77 -12.38 3.40
N ILE A 40 17.73 -11.48 3.61
CA ILE A 40 19.01 -11.60 2.95
C ILE A 40 19.82 -12.79 3.46
N ASP A 41 19.69 -13.10 4.75
CA ASP A 41 20.44 -14.20 5.35
C ASP A 41 19.74 -14.91 6.49
N LEU A 42 18.43 -14.71 6.61
CA LEU A 42 17.64 -15.33 7.68
C LEU A 42 18.16 -15.04 9.08
N ALA A 43 19.10 -14.11 9.19
CA ALA A 43 19.67 -13.77 10.49
C ALA A 43 18.85 -12.70 11.21
N THR A 44 18.82 -12.81 12.53
CA THR A 44 18.12 -11.85 13.38
C THR A 44 18.92 -10.56 13.40
N ILE A 45 18.32 -9.45 12.97
CA ILE A 45 19.04 -8.18 12.92
C ILE A 45 18.59 -7.26 14.05
N ALA A 46 17.52 -7.65 14.74
CA ALA A 46 17.00 -6.82 15.80
C ALA A 46 15.85 -7.50 16.47
N LYS A 47 15.33 -6.85 17.50
CA LYS A 47 14.20 -7.37 18.22
C LYS A 47 13.26 -6.18 18.42
N VAL A 48 11.97 -6.46 18.53
CA VAL A 48 10.99 -5.40 18.79
C VAL A 48 10.27 -5.82 20.03
N ILE A 49 9.93 -4.85 20.87
CA ILE A 49 9.20 -5.15 22.07
C ILE A 49 7.71 -4.94 21.80
N SER A 50 6.91 -5.98 21.98
CA SER A 50 5.48 -5.83 21.75
C SER A 50 4.93 -5.26 23.05
N PRO A 51 3.81 -4.52 22.97
CA PRO A 51 3.25 -3.97 24.20
C PRO A 51 2.37 -5.03 24.87
N SER A 52 2.17 -4.92 26.17
CA SER A 52 1.32 -5.86 26.88
C SER A 52 -0.12 -5.46 26.59
N ARG A 53 -1.07 -6.31 26.98
CA ARG A 53 -2.47 -6.00 26.78
C ARG A 53 -2.82 -4.72 27.53
N GLU A 54 -2.20 -4.56 28.69
CA GLU A 54 -2.41 -3.40 29.52
C GLU A 54 -1.89 -2.13 28.85
N GLU A 55 -0.78 -2.24 28.12
CA GLU A 55 -0.19 -1.10 27.45
C GLU A 55 -0.96 -0.73 26.18
N VAL A 56 -1.52 -1.74 25.52
CA VAL A 56 -2.32 -1.54 24.32
C VAL A 56 -3.54 -0.72 24.76
N GLU A 57 -4.18 -1.22 25.80
CA GLU A 57 -5.35 -0.59 26.37
C GLU A 57 -5.04 0.85 26.80
N ARG A 58 -3.91 1.04 27.47
CA ARG A 58 -3.53 2.35 27.94
C ARG A 58 -3.22 3.26 26.74
N THR A 59 -2.57 2.72 25.74
CA THR A 59 -2.23 3.51 24.57
C THR A 59 -3.50 4.03 23.86
N LEU A 60 -4.46 3.14 23.68
CA LEU A 60 -5.71 3.50 23.01
C LEU A 60 -6.39 4.58 23.81
N ASP A 61 -6.38 4.44 25.13
CA ASP A 61 -7.01 5.41 26.01
C ASP A 61 -6.38 6.77 25.82
N VAL A 62 -5.05 6.82 25.70
CA VAL A 62 -4.40 8.11 25.49
C VAL A 62 -4.76 8.69 24.13
N LEU A 63 -4.66 7.86 23.09
CA LEU A 63 -4.97 8.30 21.73
C LEU A 63 -6.38 8.90 21.67
N PHE A 64 -7.32 8.16 22.27
CA PHE A 64 -8.71 8.58 22.27
C PHE A 64 -8.99 9.82 23.13
N LYS A 65 -8.54 9.81 24.39
CA LYS A 65 -8.81 10.94 25.27
C LYS A 65 -8.00 12.20 25.04
N ARG A 66 -6.80 12.05 24.49
CA ARG A 66 -5.94 13.21 24.30
C ARG A 66 -5.40 13.37 22.90
N GLY A 67 -5.04 12.25 22.27
CA GLY A 67 -4.49 12.30 20.93
C GLY A 67 -5.43 12.95 19.92
N ARG A 68 -6.71 12.59 19.96
CA ARG A 68 -7.67 13.15 19.02
C ARG A 68 -7.62 14.66 19.11
N TRP A 69 -7.57 15.17 20.33
CA TRP A 69 -7.54 16.61 20.54
C TRP A 69 -6.22 17.29 20.20
N SER A 70 -5.10 16.62 20.47
CA SER A 70 -3.77 17.19 20.17
C SER A 70 -3.61 17.33 18.68
N ALA A 71 -4.09 16.33 17.95
CA ALA A 71 -4.01 16.34 16.51
C ALA A 71 -4.97 17.40 15.98
N ARG A 72 -6.22 17.33 16.41
CA ARG A 72 -7.24 18.26 15.95
C ARG A 72 -6.96 19.69 16.36
N ASP A 73 -6.50 19.89 17.60
CA ASP A 73 -6.26 21.25 18.04
C ASP A 73 -4.96 21.87 17.59
N MET A 74 -4.17 21.13 16.80
CA MET A 74 -2.97 21.71 16.21
C MET A 74 -3.49 22.24 14.86
N PRO A 75 -3.42 23.56 14.62
CA PRO A 75 -3.96 23.97 13.31
C PRO A 75 -3.22 23.36 12.12
N GLY A 76 -3.93 23.24 11.00
CA GLY A 76 -3.37 22.65 9.80
C GLY A 76 -2.03 23.25 9.39
N THR A 77 -1.90 24.56 9.53
CA THR A 77 -0.66 25.21 9.16
C THR A 77 0.53 24.64 9.94
N GLU A 78 0.28 24.28 11.19
CA GLU A 78 1.32 23.72 12.03
C GLU A 78 1.52 22.25 11.67
N ARG A 79 0.42 21.55 11.37
CA ARG A 79 0.51 20.13 11.01
C ARG A 79 1.40 19.99 9.78
N LEU A 80 1.21 20.92 8.85
CA LEU A 80 1.98 20.92 7.62
C LEU A 80 3.48 21.15 7.95
N ALA A 81 3.75 22.01 8.93
CA ALA A 81 5.12 22.31 9.34
C ALA A 81 5.73 21.04 9.94
N VAL A 82 4.96 20.32 10.74
CA VAL A 82 5.44 19.08 11.32
C VAL A 82 5.82 18.12 10.20
N LEU A 83 4.91 17.88 9.26
CA LEU A 83 5.18 16.96 8.18
C LEU A 83 6.37 17.40 7.31
N ARG A 84 6.54 18.71 7.11
CA ARG A 84 7.66 19.15 6.29
C ARG A 84 8.98 18.96 7.02
N LYS A 85 8.95 19.16 8.34
CA LYS A 85 10.14 18.98 9.16
C LYS A 85 10.50 17.50 9.13
N ALA A 86 9.51 16.63 9.30
CA ALA A 86 9.75 15.19 9.28
C ALA A 86 10.36 14.79 7.94
N ALA A 87 9.91 15.42 6.86
CA ALA A 87 10.44 15.10 5.55
C ALA A 87 11.94 15.45 5.56
N ASP A 88 12.29 16.60 6.16
CA ASP A 88 13.69 17.02 6.23
C ASP A 88 14.55 16.04 7.04
N ILE A 89 14.04 15.61 8.17
CA ILE A 89 14.77 14.69 9.01
C ILE A 89 15.03 13.38 8.27
N ILE A 90 13.98 12.85 7.65
CA ILE A 90 14.13 11.60 6.93
C ILE A 90 15.09 11.77 5.78
N GLU A 91 14.97 12.89 5.06
CA GLU A 91 15.84 13.15 3.94
C GLU A 91 17.32 13.25 4.33
N ARG A 92 17.62 13.85 5.48
CA ARG A 92 19.02 13.94 5.85
C ARG A 92 19.55 12.60 6.37
N ASN A 93 18.64 11.70 6.76
CA ASN A 93 18.99 10.38 7.25
C ASN A 93 18.68 9.34 6.17
N LEU A 94 18.66 9.78 4.92
CA LEU A 94 18.31 8.88 3.84
C LEU A 94 19.08 7.55 3.83
N ASP A 95 20.40 7.61 3.82
CA ASP A 95 21.21 6.39 3.78
C ASP A 95 20.83 5.45 4.91
N VAL A 96 20.63 5.97 6.11
CA VAL A 96 20.25 5.14 7.23
C VAL A 96 18.87 4.49 6.96
N PHE A 97 17.92 5.27 6.43
CA PHE A 97 16.59 4.74 6.13
C PHE A 97 16.66 3.66 5.06
N ALA A 98 17.41 3.93 4.01
CA ALA A 98 17.56 2.98 2.92
C ALA A 98 18.24 1.68 3.37
N GLU A 99 19.31 1.80 4.15
CA GLU A 99 20.05 0.63 4.63
C GLU A 99 19.12 -0.33 5.35
N VAL A 100 18.31 0.22 6.25
CA VAL A 100 17.37 -0.60 6.99
C VAL A 100 16.36 -1.26 6.06
N LEU A 101 16.01 -0.59 4.97
CA LEU A 101 15.06 -1.18 4.03
C LEU A 101 15.74 -2.32 3.31
N VAL A 102 16.96 -2.07 2.83
CA VAL A 102 17.70 -3.10 2.15
C VAL A 102 17.86 -4.29 3.09
N MET A 103 18.31 -4.04 4.30
CA MET A 103 18.51 -5.14 5.25
C MET A 103 17.26 -5.80 5.76
N ASN A 104 16.33 -5.00 6.26
CA ASN A 104 15.12 -5.56 6.82
C ASN A 104 14.10 -6.11 5.82
N ALA A 105 14.02 -5.52 4.64
CA ALA A 105 13.05 -5.94 3.65
C ALA A 105 13.64 -6.69 2.46
N GLY A 106 14.96 -6.61 2.30
CA GLY A 106 15.61 -7.30 1.21
C GLY A 106 15.39 -6.51 -0.04
N LYS A 107 15.15 -5.23 0.14
CA LYS A 107 14.89 -4.36 -0.97
C LYS A 107 16.19 -3.92 -1.62
N PRO A 108 16.25 -3.99 -2.96
CA PRO A 108 17.47 -3.58 -3.68
C PRO A 108 17.74 -2.12 -3.30
N LYS A 109 19.01 -1.73 -3.24
CA LYS A 109 19.38 -0.37 -2.86
C LYS A 109 18.61 0.74 -3.59
N SER A 110 18.50 0.65 -4.91
CA SER A 110 17.80 1.69 -5.64
C SER A 110 16.30 1.76 -5.27
N ALA A 111 15.72 0.61 -4.96
CA ALA A 111 14.31 0.56 -4.58
C ALA A 111 14.15 1.12 -3.18
N ALA A 112 15.09 0.81 -2.30
CA ALA A 112 15.04 1.29 -0.94
C ALA A 112 15.19 2.81 -0.96
N VAL A 113 16.07 3.32 -1.82
CA VAL A 113 16.29 4.76 -1.89
C VAL A 113 15.03 5.43 -2.45
N GLY A 114 14.41 4.78 -3.44
CA GLY A 114 13.20 5.30 -4.04
C GLY A 114 12.07 5.35 -3.03
N GLU A 115 11.99 4.36 -2.15
CA GLU A 115 10.93 4.36 -1.17
C GLU A 115 11.13 5.48 -0.15
N VAL A 116 12.38 5.71 0.28
CA VAL A 116 12.64 6.77 1.23
C VAL A 116 12.24 8.11 0.59
N LYS A 117 12.59 8.28 -0.66
CA LYS A 117 12.26 9.49 -1.37
C LYS A 117 10.75 9.64 -1.55
N ALA A 118 10.05 8.51 -1.72
CA ALA A 118 8.60 8.56 -1.89
C ALA A 118 8.01 9.07 -0.58
N ALA A 119 8.50 8.53 0.54
CA ALA A 119 8.05 8.91 1.86
C ALA A 119 8.30 10.39 2.12
N VAL A 120 9.45 10.89 1.67
CA VAL A 120 9.80 12.28 1.86
C VAL A 120 8.87 13.17 1.05
N ASP A 121 8.65 12.80 -0.22
CA ASP A 121 7.78 13.57 -1.10
C ASP A 121 6.34 13.59 -0.59
N ARG A 122 5.86 12.44 -0.13
CA ARG A 122 4.53 12.33 0.35
C ARG A 122 4.35 13.35 1.45
N LEU A 123 5.33 13.40 2.36
CA LEU A 123 5.30 14.31 3.47
C LEU A 123 5.29 15.76 3.04
N ARG A 124 6.11 16.10 2.05
CA ARG A 124 6.18 17.48 1.56
C ARG A 124 5.00 17.95 0.73
N LEU A 125 4.28 17.01 0.13
CA LEU A 125 3.14 17.36 -0.71
C LEU A 125 1.83 17.30 0.04
N ALA A 126 1.90 17.21 1.38
CA ALA A 126 0.69 17.14 2.19
C ALA A 126 -0.16 18.37 1.88
N GLU A 127 0.48 19.40 1.36
CA GLU A 127 -0.17 20.64 0.96
C GLU A 127 -1.18 20.34 -0.18
N LEU A 128 -0.87 19.38 -1.04
CA LEU A 128 -1.78 19.04 -2.14
C LEU A 128 -3.04 18.32 -1.64
N ASP A 129 -3.00 17.74 -0.45
CA ASP A 129 -4.16 17.05 0.09
C ASP A 129 -5.30 18.03 0.39
N LEU A 130 -4.98 19.31 0.46
CA LEU A 130 -5.97 20.33 0.76
C LEU A 130 -6.94 20.59 -0.39
N LYS A 131 -6.64 20.07 -1.57
CA LYS A 131 -7.52 20.29 -2.71
C LYS A 131 -8.89 19.64 -2.48
N LYS A 132 -8.98 18.71 -1.54
CA LYS A 132 -10.25 18.08 -1.27
C LYS A 132 -10.73 18.41 0.15
N ILE A 133 -10.23 19.52 0.71
CA ILE A 133 -10.62 19.83 2.08
C ILE A 133 -11.85 20.70 2.32
N GLY A 134 -12.14 21.63 1.41
CA GLY A 134 -13.30 22.50 1.57
C GLY A 134 -14.64 21.78 1.67
N GLY A 135 -15.65 22.47 2.17
CA GLY A 135 -16.96 21.88 2.29
C GLY A 135 -17.92 22.43 1.26
N ASP A 136 -19.19 22.01 1.33
CA ASP A 136 -20.21 22.43 0.37
C ASP A 136 -21.29 23.31 0.98
N TYR A 137 -21.76 24.27 0.22
CA TYR A 137 -22.82 25.14 0.69
C TYR A 137 -24.03 24.84 -0.18
N ILE A 138 -25.10 24.33 0.42
CA ILE A 138 -26.30 23.95 -0.30
C ILE A 138 -27.46 24.91 -0.09
N PRO A 139 -27.78 25.74 -1.09
CA PRO A 139 -28.91 26.68 -0.97
C PRO A 139 -30.19 25.82 -0.87
N GLY A 140 -31.18 26.25 -0.10
CA GLY A 140 -32.38 25.43 0.06
C GLY A 140 -33.64 25.71 -0.77
N ASP A 141 -33.59 26.65 -1.70
CA ASP A 141 -34.79 27.00 -2.45
C ASP A 141 -35.08 26.19 -3.70
N TRP A 142 -34.52 24.98 -3.79
CA TRP A 142 -34.71 24.16 -4.98
C TRP A 142 -35.74 23.08 -4.75
N THR A 143 -36.35 23.15 -3.57
CA THR A 143 -37.40 22.24 -3.16
C THR A 143 -38.32 23.09 -2.28
N TYR A 144 -39.62 22.78 -2.27
CA TYR A 144 -40.54 23.54 -1.44
C TYR A 144 -40.34 23.27 0.04
N ASP A 145 -40.11 22.01 0.39
CA ASP A 145 -39.92 21.67 1.79
C ASP A 145 -38.68 22.27 2.43
N THR A 146 -37.72 22.68 1.61
CA THR A 146 -36.50 23.24 2.18
C THR A 146 -36.37 24.76 1.97
N LEU A 147 -37.43 25.37 1.47
CA LEU A 147 -37.44 26.81 1.25
C LEU A 147 -37.08 27.57 2.54
N GLU A 148 -36.28 28.63 2.42
CA GLU A 148 -35.86 29.45 3.57
C GLU A 148 -34.96 28.67 4.53
N THR A 149 -34.39 27.62 3.99
CA THR A 149 -33.48 26.75 4.71
C THR A 149 -32.14 26.78 3.93
N GLU A 150 -31.08 26.28 4.55
CA GLU A 150 -29.75 26.34 3.96
C GLU A 150 -28.88 25.26 4.59
N GLY A 151 -27.90 24.77 3.86
CA GLY A 151 -27.03 23.75 4.41
C GLY A 151 -25.53 23.97 4.16
N LEU A 152 -24.73 23.53 5.12
CA LEU A 152 -23.29 23.60 5.03
C LEU A 152 -22.86 22.18 5.30
N VAL A 153 -22.06 21.61 4.40
CA VAL A 153 -21.52 20.27 4.58
C VAL A 153 -19.99 20.40 4.71
N ARG A 154 -19.46 19.89 5.81
CA ARG A 154 -18.04 19.99 6.12
C ARG A 154 -17.41 18.66 6.45
N ARG A 155 -16.09 18.58 6.34
CA ARG A 155 -15.42 17.33 6.70
C ARG A 155 -14.85 17.51 8.10
N GLU A 156 -14.87 16.44 8.86
CA GLU A 156 -14.38 16.47 10.22
C GLU A 156 -13.58 15.20 10.43
N PRO A 157 -12.47 15.26 11.20
CA PRO A 157 -11.69 14.05 11.42
C PRO A 157 -12.48 13.08 12.27
N LEU A 158 -12.30 11.80 12.02
CA LEU A 158 -12.98 10.75 12.75
C LEU A 158 -12.45 10.51 14.15
N GLY A 159 -11.17 10.82 14.37
CA GLY A 159 -10.59 10.61 15.70
C GLY A 159 -9.32 9.78 15.67
N VAL A 160 -9.46 8.50 15.99
CA VAL A 160 -8.32 7.59 16.00
C VAL A 160 -8.38 6.64 14.81
N VAL A 161 -7.39 6.73 13.94
CA VAL A 161 -7.29 5.89 12.76
C VAL A 161 -6.24 4.81 13.03
N ALA A 162 -6.59 3.55 12.78
CA ALA A 162 -5.65 2.47 12.96
C ALA A 162 -5.05 2.22 11.59
N ALA A 163 -3.73 2.39 11.48
CA ALA A 163 -3.05 2.18 10.21
C ALA A 163 -2.36 0.83 10.31
N ILE A 164 -2.81 -0.14 9.51
CA ILE A 164 -2.21 -1.46 9.53
C ILE A 164 -1.48 -1.56 8.21
N THR A 165 -0.20 -1.90 8.30
CA THR A 165 0.62 -1.89 7.11
C THR A 165 1.24 -3.23 6.74
N PRO A 166 1.50 -3.43 5.44
CA PRO A 166 2.08 -4.67 4.94
C PRO A 166 3.62 -4.67 4.99
N PHE A 167 4.24 -5.80 4.66
CA PHE A 167 5.69 -5.85 4.71
C PHE A 167 6.38 -5.27 3.48
N ASN A 168 5.75 -5.35 2.31
CA ASN A 168 6.39 -4.88 1.09
C ASN A 168 6.71 -3.39 0.89
N TYR A 169 6.18 -2.53 1.74
CA TYR A 169 6.49 -1.08 1.66
C TYR A 169 6.38 -0.57 3.08
N PRO A 170 7.17 -1.17 3.99
CA PRO A 170 7.21 -0.84 5.41
C PRO A 170 7.40 0.63 5.73
N LEU A 171 8.14 1.35 4.90
CA LEU A 171 8.33 2.75 5.19
C LEU A 171 7.24 3.64 4.61
N PHE A 172 7.06 3.57 3.31
CA PHE A 172 6.08 4.41 2.66
C PHE A 172 4.65 4.29 3.15
N ASP A 173 4.13 3.07 3.23
CA ASP A 173 2.76 2.85 3.65
C ASP A 173 2.49 3.46 4.99
N ALA A 174 3.42 3.29 5.92
CA ALA A 174 3.26 3.85 7.25
C ALA A 174 3.27 5.38 7.18
N VAL A 175 4.15 5.96 6.36
CA VAL A 175 4.22 7.41 6.27
C VAL A 175 3.02 7.98 5.54
N ASN A 176 2.55 7.24 4.55
CA ASN A 176 1.40 7.66 3.77
C ASN A 176 0.13 7.75 4.64
N LYS A 177 -0.14 6.66 5.35
CA LYS A 177 -1.32 6.57 6.19
C LYS A 177 -1.25 7.59 7.32
N ILE A 178 -0.07 7.76 7.90
CA ILE A 178 0.08 8.74 8.95
C ILE A 178 -0.14 10.15 8.40
N THR A 179 0.39 10.39 7.21
CA THR A 179 0.25 11.70 6.62
C THR A 179 -1.21 12.06 6.36
N TYR A 180 -1.91 11.26 5.55
CA TYR A 180 -3.28 11.63 5.27
C TYR A 180 -4.17 11.52 6.49
N SER A 181 -3.81 10.68 7.45
CA SER A 181 -4.64 10.62 8.66
C SER A 181 -4.44 11.87 9.49
N PHE A 182 -3.19 12.31 9.59
CA PHE A 182 -2.85 13.46 10.43
C PHE A 182 -3.17 14.81 9.82
N ILE A 183 -2.91 14.96 8.53
CA ILE A 183 -3.17 16.25 7.89
C ILE A 183 -4.61 16.74 8.17
N TYR A 184 -5.56 15.81 8.26
CA TYR A 184 -6.96 16.17 8.51
C TYR A 184 -7.37 16.27 9.97
N GLY A 185 -6.42 16.03 10.88
CA GLY A 185 -6.69 16.18 12.29
C GLY A 185 -6.91 14.93 13.11
N ASN A 186 -6.54 13.77 12.59
CA ASN A 186 -6.71 12.50 13.32
C ASN A 186 -5.45 12.08 14.11
N ALA A 187 -5.66 11.23 15.11
CA ALA A 187 -4.60 10.64 15.93
C ALA A 187 -4.41 9.33 15.18
N VAL A 188 -3.28 8.63 15.37
CA VAL A 188 -3.03 7.39 14.63
C VAL A 188 -2.29 6.29 15.37
N VAL A 189 -2.77 5.06 15.23
CA VAL A 189 -2.11 3.90 15.81
C VAL A 189 -1.55 3.19 14.61
N VAL A 190 -0.24 3.10 14.50
CA VAL A 190 0.40 2.41 13.39
C VAL A 190 0.74 1.00 13.87
N LYS A 191 0.39 0.01 13.08
CA LYS A 191 0.69 -1.37 13.42
C LYS A 191 1.34 -1.92 12.16
N PRO A 192 2.68 -1.94 12.14
CA PRO A 192 3.46 -2.43 11.00
C PRO A 192 3.57 -3.94 10.99
N SER A 193 3.96 -4.49 9.84
CA SER A 193 4.17 -5.93 9.75
C SER A 193 5.24 -6.27 10.79
N ILE A 194 4.98 -7.27 11.63
CA ILE A 194 5.93 -7.64 12.65
C ILE A 194 7.19 -8.18 11.97
N SER A 195 7.09 -8.41 10.67
CA SER A 195 8.16 -8.93 9.86
C SER A 195 9.29 -7.91 9.60
N ASP A 196 8.92 -6.66 9.36
CA ASP A 196 9.90 -5.61 9.12
C ASP A 196 9.41 -4.25 9.66
N PRO A 197 9.21 -4.17 10.98
CA PRO A 197 8.73 -2.98 11.69
C PRO A 197 9.74 -1.90 11.99
N LEU A 198 10.99 -2.10 11.58
CA LEU A 198 12.04 -1.13 11.87
C LEU A 198 11.88 0.20 11.16
N PRO A 199 11.54 0.19 9.87
CA PRO A 199 11.38 1.46 9.15
C PRO A 199 10.26 2.35 9.75
N ALA A 200 9.18 1.73 10.21
CA ALA A 200 8.08 2.48 10.81
C ALA A 200 8.55 3.16 12.08
N ALA A 201 9.30 2.43 12.91
CA ALA A 201 9.84 2.98 14.14
C ALA A 201 10.70 4.20 13.84
N MET A 202 11.50 4.12 12.78
CA MET A 202 12.37 5.23 12.40
C MET A 202 11.57 6.42 11.92
N ALA A 203 10.51 6.14 11.16
CA ALA A 203 9.67 7.21 10.62
C ALA A 203 8.93 7.90 11.75
N VAL A 204 8.35 7.12 12.65
CA VAL A 204 7.63 7.66 13.78
C VAL A 204 8.52 8.54 14.65
N LYS A 205 9.80 8.17 14.75
CA LYS A 205 10.76 8.94 15.53
C LYS A 205 11.02 10.27 14.83
N ALA A 206 11.21 10.22 13.52
CA ALA A 206 11.43 11.44 12.75
C ALA A 206 10.23 12.39 12.92
N LEU A 207 9.02 11.82 12.94
CA LEU A 207 7.78 12.61 13.08
C LEU A 207 7.72 13.21 14.48
N LEU A 208 8.04 12.41 15.49
CA LEU A 208 8.05 12.91 16.86
C LEU A 208 9.12 14.01 17.00
N ASP A 209 10.27 13.83 16.37
CA ASP A 209 11.31 14.85 16.44
C ASP A 209 10.85 16.10 15.72
N ALA A 210 10.01 15.91 14.70
CA ALA A 210 9.53 17.05 13.92
C ALA A 210 8.44 17.85 14.66
N GLY A 211 7.93 17.29 15.76
CA GLY A 211 6.89 17.99 16.51
C GLY A 211 5.51 17.34 16.51
N PHE A 212 5.38 16.17 15.91
CA PHE A 212 4.11 15.48 15.89
C PHE A 212 3.63 15.30 17.33
N PRO A 213 2.41 15.81 17.66
CA PRO A 213 1.85 15.70 19.01
C PRO A 213 2.18 14.32 19.55
N PRO A 214 3.02 14.25 20.61
CA PRO A 214 3.46 13.00 21.24
C PRO A 214 2.39 12.03 21.70
N ASP A 215 1.20 12.53 22.03
CA ASP A 215 0.13 11.65 22.47
C ASP A 215 -0.87 11.33 21.33
N ALA A 216 -0.59 11.81 20.12
CA ALA A 216 -1.48 11.59 18.97
C ALA A 216 -1.01 10.48 18.01
N ILE A 217 0.07 9.80 18.36
CA ILE A 217 0.60 8.73 17.52
C ILE A 217 1.08 7.57 18.38
N ALA A 218 0.98 6.36 17.84
CA ALA A 218 1.39 5.19 18.55
C ALA A 218 1.90 4.20 17.53
N LEU A 219 2.93 3.45 17.92
CA LEU A 219 3.52 2.45 17.06
C LEU A 219 3.51 1.18 17.88
N LEU A 220 2.71 0.21 17.50
CA LEU A 220 2.61 -1.01 18.28
C LEU A 220 3.10 -2.23 17.52
N ASN A 221 4.15 -2.85 18.08
CA ASN A 221 4.73 -4.05 17.48
C ASN A 221 3.94 -5.27 17.95
N LEU A 222 2.82 -5.52 17.30
CA LEU A 222 1.97 -6.64 17.64
C LEU A 222 1.91 -7.61 16.49
N PRO A 223 2.07 -8.90 16.78
CA PRO A 223 2.00 -9.84 15.66
C PRO A 223 0.56 -10.14 15.29
N GLY A 224 0.32 -10.36 14.00
CA GLY A 224 -1.01 -10.67 13.49
C GLY A 224 -2.24 -10.46 14.34
N LYS A 225 -2.82 -11.55 14.83
CA LYS A 225 -4.06 -11.46 15.61
C LYS A 225 -3.99 -10.67 16.91
N GLU A 226 -2.80 -10.25 17.30
CA GLU A 226 -2.66 -9.44 18.52
C GLU A 226 -3.25 -8.08 18.19
N ALA A 227 -3.21 -7.73 16.91
CA ALA A 227 -3.72 -6.45 16.45
C ALA A 227 -5.25 -6.37 16.43
N GLU A 228 -5.90 -7.52 16.41
CA GLU A 228 -7.36 -7.56 16.39
C GLU A 228 -7.94 -6.74 17.51
N LYS A 229 -7.28 -6.78 18.67
CA LYS A 229 -7.69 -6.02 19.84
C LYS A 229 -7.81 -4.52 19.52
N ILE A 230 -6.98 -4.04 18.60
CA ILE A 230 -7.01 -2.63 18.22
C ILE A 230 -8.17 -2.36 17.26
N VAL A 231 -8.23 -3.17 16.21
CA VAL A 231 -9.27 -3.05 15.21
C VAL A 231 -10.69 -3.15 15.80
N ALA A 232 -10.89 -4.07 16.74
CA ALA A 232 -12.20 -4.27 17.34
C ALA A 232 -12.60 -3.24 18.39
N ASP A 233 -11.68 -2.35 18.72
CA ASP A 233 -11.97 -1.35 19.73
C ASP A 233 -12.78 -0.17 19.22
N ASP A 234 -13.79 0.23 19.99
CA ASP A 234 -14.66 1.33 19.61
C ASP A 234 -13.99 2.69 19.59
N ARG A 235 -12.83 2.82 20.23
CA ARG A 235 -12.15 4.10 20.20
C ARG A 235 -11.49 4.27 18.84
N VAL A 236 -11.44 3.18 18.07
CA VAL A 236 -10.87 3.23 16.71
C VAL A 236 -12.00 3.48 15.71
N ALA A 237 -12.08 4.71 15.20
CA ALA A 237 -13.13 5.11 14.27
C ALA A 237 -12.87 4.73 12.81
N ALA A 238 -11.63 4.42 12.47
CA ALA A 238 -11.33 4.09 11.08
C ALA A 238 -10.16 3.16 11.06
N VAL A 239 -10.14 2.32 10.04
CA VAL A 239 -9.08 1.36 9.86
C VAL A 239 -8.61 1.42 8.42
N SER A 240 -7.37 1.89 8.25
CA SER A 240 -6.73 1.99 6.94
C SER A 240 -5.83 0.75 6.90
N PHE A 241 -6.23 -0.20 6.08
CA PHE A 241 -5.53 -1.46 5.96
C PHE A 241 -5.07 -1.76 4.56
N THR A 242 -3.80 -2.11 4.46
CA THR A 242 -3.19 -2.49 3.20
C THR A 242 -2.58 -3.83 3.56
N GLY A 243 -3.02 -4.88 2.85
CA GLY A 243 -2.56 -6.23 3.11
C GLY A 243 -3.28 -7.22 2.20
N SER A 244 -3.32 -8.48 2.61
CA SER A 244 -3.98 -9.52 1.82
C SER A 244 -5.48 -9.53 2.03
N THR A 245 -6.19 -10.03 1.00
CA THR A 245 -7.64 -10.13 1.03
C THR A 245 -8.13 -10.85 2.28
N GLU A 246 -7.53 -12.00 2.54
CA GLU A 246 -7.91 -12.82 3.66
C GLU A 246 -7.79 -12.12 5.01
N VAL A 247 -6.72 -11.37 5.22
CA VAL A 247 -6.59 -10.68 6.50
C VAL A 247 -7.56 -9.50 6.53
N GLY A 248 -7.68 -8.83 5.38
CA GLY A 248 -8.60 -7.71 5.28
C GLY A 248 -10.02 -8.12 5.69
N GLU A 249 -10.43 -9.30 5.25
CA GLU A 249 -11.75 -9.85 5.57
C GLU A 249 -11.89 -10.03 7.07
N ARG A 250 -10.87 -10.64 7.68
CA ARG A 250 -10.85 -10.87 9.11
C ARG A 250 -10.92 -9.55 9.86
N VAL A 251 -10.22 -8.55 9.36
CA VAL A 251 -10.19 -7.23 9.99
C VAL A 251 -11.58 -6.59 10.06
N VAL A 252 -12.30 -6.60 8.94
CA VAL A 252 -13.64 -6.01 8.95
C VAL A 252 -14.57 -6.81 9.87
N LYS A 253 -14.42 -8.13 9.86
CA LYS A 253 -15.29 -8.98 10.68
C LYS A 253 -15.03 -8.81 12.16
N VAL A 254 -13.81 -8.38 12.49
CA VAL A 254 -13.42 -8.15 13.87
C VAL A 254 -13.83 -6.71 14.21
N GLY A 255 -13.62 -5.81 13.26
CA GLY A 255 -13.94 -4.41 13.46
C GLY A 255 -15.42 -4.04 13.47
N GLY A 256 -16.21 -4.65 12.59
CA GLY A 256 -17.63 -4.31 12.56
C GLY A 256 -17.81 -2.95 11.91
N VAL A 257 -18.89 -2.25 12.26
CA VAL A 257 -19.17 -0.93 11.66
C VAL A 257 -18.08 0.08 11.97
N LYS A 258 -17.52 0.66 10.91
CA LYS A 258 -16.41 1.59 11.07
C LYS A 258 -16.07 2.05 9.66
N GLN A 259 -15.29 3.12 9.57
CA GLN A 259 -14.86 3.66 8.28
C GLN A 259 -13.64 2.80 7.86
N TYR A 260 -13.63 2.27 6.64
CA TYR A 260 -12.51 1.44 6.21
C TYR A 260 -11.94 1.82 4.88
N VAL A 261 -10.64 1.55 4.69
CA VAL A 261 -10.04 1.70 3.38
C VAL A 261 -9.36 0.35 3.35
N MET A 262 -9.65 -0.47 2.36
CA MET A 262 -9.04 -1.77 2.29
C MET A 262 -8.36 -1.88 0.96
N GLU A 263 -7.03 -1.82 0.99
CA GLU A 263 -6.21 -1.95 -0.21
C GLU A 263 -5.74 -3.40 -0.06
N LEU A 264 -6.37 -4.29 -0.81
CA LEU A 264 -6.08 -5.72 -0.69
C LEU A 264 -5.31 -6.37 -1.84
N GLY A 265 -4.63 -5.56 -2.64
CA GLY A 265 -3.82 -6.08 -3.71
C GLY A 265 -4.32 -7.15 -4.68
N GLY A 266 -3.49 -8.17 -4.88
CA GLY A 266 -3.79 -9.23 -5.82
C GLY A 266 -2.89 -8.79 -6.96
N GLY A 267 -2.76 -9.52 -8.03
CA GLY A 267 -1.85 -8.92 -9.00
C GLY A 267 -2.55 -8.01 -9.96
N ASP A 268 -1.87 -7.67 -11.05
CA ASP A 268 -2.46 -6.85 -12.09
C ASP A 268 -2.19 -7.48 -13.46
N PRO A 269 -3.19 -7.42 -14.35
CA PRO A 269 -3.02 -7.98 -15.69
C PRO A 269 -2.55 -6.83 -16.56
N ALA A 270 -1.84 -7.14 -17.64
CA ALA A 270 -1.38 -6.11 -18.57
C ALA A 270 -1.83 -6.59 -19.96
N ILE A 271 -2.41 -5.69 -20.74
CA ILE A 271 -2.91 -6.02 -22.04
C ILE A 271 -2.13 -5.28 -23.10
N VAL A 272 -1.73 -5.99 -24.14
CA VAL A 272 -0.98 -5.37 -25.21
C VAL A 272 -1.73 -5.49 -26.52
N LEU A 273 -2.18 -4.36 -27.02
CA LEU A 273 -2.90 -4.31 -28.27
C LEU A 273 -1.90 -4.35 -29.42
N GLU A 274 -2.37 -4.78 -30.57
CA GLU A 274 -1.54 -4.90 -31.75
C GLU A 274 -0.85 -3.61 -32.19
N ASP A 275 -1.34 -2.47 -31.73
CA ASP A 275 -0.69 -1.23 -32.16
C ASP A 275 0.23 -0.62 -31.09
N ALA A 276 0.48 -1.39 -30.05
CA ALA A 276 1.35 -0.97 -28.96
C ALA A 276 2.81 -0.83 -29.39
N ASP A 277 3.51 0.08 -28.71
CA ASP A 277 4.94 0.26 -28.93
C ASP A 277 5.45 -0.92 -28.09
N LEU A 278 5.94 -1.97 -28.74
CA LEU A 278 6.40 -3.15 -28.00
C LEU A 278 7.67 -2.97 -27.18
N ASP A 279 8.51 -1.98 -27.54
CA ASP A 279 9.73 -1.73 -26.78
C ASP A 279 9.32 -1.20 -25.42
N LEU A 280 8.45 -0.20 -25.45
CA LEU A 280 7.91 0.40 -24.24
C LEU A 280 7.19 -0.70 -23.44
N ALA A 281 6.32 -1.43 -24.11
CA ALA A 281 5.53 -2.46 -23.43
C ALA A 281 6.38 -3.52 -22.75
N ALA A 282 7.30 -4.11 -23.49
CA ALA A 282 8.16 -5.17 -22.95
C ALA A 282 8.98 -4.65 -21.75
N ASP A 283 9.55 -3.46 -21.92
CA ASP A 283 10.33 -2.85 -20.86
C ASP A 283 9.48 -2.64 -19.59
N LYS A 284 8.34 -1.97 -19.74
CA LYS A 284 7.46 -1.72 -18.60
C LYS A 284 6.90 -3.00 -17.99
N ILE A 285 6.55 -3.95 -18.86
CA ILE A 285 5.98 -5.20 -18.35
C ILE A 285 7.03 -6.02 -17.59
N ALA A 286 8.24 -6.13 -18.14
CA ALA A 286 9.31 -6.85 -17.47
C ALA A 286 9.50 -6.24 -16.09
N ARG A 287 9.63 -4.91 -16.06
CA ARG A 287 9.83 -4.23 -14.78
C ARG A 287 8.64 -4.48 -13.87
N GLY A 288 7.44 -4.41 -14.43
CA GLY A 288 6.25 -4.66 -13.62
C GLY A 288 6.24 -6.06 -13.05
N ILE A 289 6.84 -7.01 -13.76
CA ILE A 289 6.88 -8.36 -13.23
C ILE A 289 7.89 -8.55 -12.11
N TYR A 290 9.11 -8.04 -12.29
CA TYR A 290 10.18 -8.26 -11.30
C TYR A 290 10.42 -7.26 -10.16
N SER A 291 10.10 -5.98 -10.34
CA SER A 291 10.37 -5.02 -9.26
C SER A 291 10.11 -5.56 -7.86
N TYR A 292 11.12 -5.38 -7.01
CA TYR A 292 11.13 -5.84 -5.62
C TYR A 292 10.74 -7.32 -5.56
N ALA A 293 11.21 -8.07 -6.55
CA ALA A 293 10.94 -9.50 -6.59
C ALA A 293 9.42 -9.74 -6.62
N GLY A 294 8.73 -8.93 -7.43
CA GLY A 294 7.28 -9.04 -7.56
C GLY A 294 6.50 -8.83 -6.27
N GLN A 295 7.17 -8.42 -5.20
CA GLN A 295 6.47 -8.21 -3.95
C GLN A 295 5.80 -6.84 -3.90
N ARG A 296 5.12 -6.52 -5.00
CA ARG A 296 4.38 -5.30 -5.15
C ARG A 296 2.92 -5.63 -5.48
N CYS A 297 2.00 -5.04 -4.72
CA CYS A 297 0.59 -5.28 -4.95
C CYS A 297 0.22 -4.95 -6.39
N ASP A 298 0.91 -3.98 -6.99
CA ASP A 298 0.66 -3.59 -8.37
C ASP A 298 1.58 -4.30 -9.36
N ALA A 299 2.15 -5.44 -8.97
CA ALA A 299 3.02 -6.18 -9.87
C ALA A 299 2.19 -6.82 -11.00
N ILE A 300 2.81 -6.99 -12.16
CA ILE A 300 2.12 -7.63 -13.26
C ILE A 300 2.18 -9.14 -13.05
N LYS A 301 1.02 -9.79 -13.09
CA LYS A 301 0.92 -11.24 -12.86
C LYS A 301 0.40 -12.00 -14.07
N LEU A 302 -0.10 -11.24 -15.03
CA LEU A 302 -0.70 -11.81 -16.21
C LEU A 302 -0.49 -10.86 -17.36
N VAL A 303 -0.02 -11.39 -18.48
CA VAL A 303 0.21 -10.58 -19.64
C VAL A 303 -0.67 -11.17 -20.74
N LEU A 304 -1.46 -10.31 -21.37
CA LEU A 304 -2.36 -10.72 -22.43
C LEU A 304 -1.98 -9.90 -23.65
N ALA A 305 -1.65 -10.58 -24.74
CA ALA A 305 -1.26 -9.87 -25.95
C ALA A 305 -1.94 -10.43 -27.20
N GLU A 306 -2.44 -9.53 -28.03
CA GLU A 306 -3.11 -9.92 -29.26
C GLU A 306 -2.16 -10.66 -30.21
N ARG A 307 -2.68 -11.71 -30.85
CA ARG A 307 -1.95 -12.57 -31.78
C ARG A 307 -0.73 -11.96 -32.48
N PRO A 308 -0.92 -10.89 -33.26
CA PRO A 308 0.15 -10.23 -34.00
C PRO A 308 1.37 -9.66 -33.28
N VAL A 309 1.31 -9.48 -31.97
CA VAL A 309 2.47 -8.94 -31.28
C VAL A 309 2.86 -9.86 -30.14
N TYR A 310 2.01 -10.85 -29.87
CA TYR A 310 2.30 -11.77 -28.78
C TYR A 310 3.72 -12.30 -28.81
N GLY A 311 4.11 -12.85 -29.97
CA GLY A 311 5.44 -13.42 -30.13
C GLY A 311 6.58 -12.50 -29.74
N LYS A 312 6.71 -11.37 -30.42
CA LYS A 312 7.77 -10.42 -30.11
C LYS A 312 7.74 -9.97 -28.65
N LEU A 313 6.55 -9.55 -28.20
CA LEU A 313 6.36 -9.06 -26.86
C LEU A 313 6.87 -10.05 -25.82
N VAL A 314 6.36 -11.27 -25.87
CA VAL A 314 6.76 -12.30 -24.92
C VAL A 314 8.25 -12.63 -25.02
N GLU A 315 8.77 -12.51 -26.23
CA GLU A 315 10.17 -12.78 -26.54
C GLU A 315 11.00 -11.75 -25.77
N GLU A 316 10.74 -10.47 -26.04
CA GLU A 316 11.42 -9.36 -25.39
C GLU A 316 11.36 -9.38 -23.86
N VAL A 317 10.18 -9.68 -23.31
CA VAL A 317 10.03 -9.73 -21.86
C VAL A 317 10.87 -10.84 -21.30
N ALA A 318 10.91 -11.96 -22.03
CA ALA A 318 11.70 -13.11 -21.60
C ALA A 318 13.19 -12.72 -21.55
N LYS A 319 13.68 -12.09 -22.62
CA LYS A 319 15.07 -11.66 -22.68
C LYS A 319 15.35 -10.77 -21.47
N ARG A 320 14.53 -9.73 -21.31
CA ARG A 320 14.72 -8.81 -20.20
C ARG A 320 14.72 -9.50 -18.84
N LEU A 321 13.78 -10.40 -18.59
CA LEU A 321 13.77 -11.07 -17.29
C LEU A 321 15.01 -11.95 -17.12
N SER A 322 15.44 -12.59 -18.20
CA SER A 322 16.60 -13.48 -18.13
C SER A 322 17.90 -12.71 -17.85
N SER A 323 18.05 -11.52 -18.42
CA SER A 323 19.26 -10.74 -18.22
C SER A 323 19.31 -10.00 -16.90
N LEU A 324 18.56 -10.45 -15.91
CA LEU A 324 18.52 -9.80 -14.59
C LEU A 324 19.52 -10.42 -13.63
N ARG A 325 20.12 -9.61 -12.76
CA ARG A 325 21.08 -10.09 -11.77
C ARG A 325 20.40 -10.30 -10.41
N VAL A 326 20.34 -11.54 -9.93
CA VAL A 326 19.72 -11.82 -8.65
C VAL A 326 20.80 -11.91 -7.56
N GLY A 327 20.40 -11.98 -6.30
CA GLY A 327 21.37 -12.09 -5.22
C GLY A 327 21.11 -11.21 -4.00
N ASP A 328 22.18 -10.76 -3.37
CA ASP A 328 22.08 -9.91 -2.19
C ASP A 328 21.83 -8.47 -2.63
N PRO A 329 20.81 -7.82 -2.04
CA PRO A 329 20.42 -6.44 -2.35
C PRO A 329 21.41 -5.33 -1.96
N ARG A 330 22.38 -5.66 -1.12
CA ARG A 330 23.39 -4.67 -0.73
C ARG A 330 24.21 -4.26 -1.96
N ASP A 331 24.44 -5.19 -2.88
CA ASP A 331 25.18 -4.94 -4.14
C ASP A 331 24.33 -4.06 -5.04
N PRO A 332 24.80 -2.85 -5.39
CA PRO A 332 23.97 -2.01 -6.25
C PRO A 332 23.96 -2.60 -7.66
N THR A 333 24.61 -3.76 -7.76
CA THR A 333 24.73 -4.51 -9.00
C THR A 333 23.47 -5.34 -9.26
N VAL A 334 22.98 -5.94 -8.18
CA VAL A 334 21.78 -6.76 -8.17
C VAL A 334 20.53 -6.01 -8.65
N ASP A 335 19.72 -6.69 -9.45
CA ASP A 335 18.47 -6.14 -9.96
C ASP A 335 17.36 -6.69 -9.05
N VAL A 336 17.57 -7.89 -8.53
CA VAL A 336 16.57 -8.55 -7.70
C VAL A 336 17.10 -9.19 -6.42
N GLY A 337 16.56 -8.76 -5.29
CA GLY A 337 16.99 -9.29 -4.02
C GLY A 337 16.17 -10.51 -3.67
N PRO A 338 16.09 -10.86 -2.38
CA PRO A 338 15.31 -12.03 -1.95
C PRO A 338 13.85 -11.72 -1.67
N LEU A 339 13.08 -12.80 -1.47
CA LEU A 339 11.67 -12.72 -1.14
C LEU A 339 11.66 -12.75 0.38
N ILE A 340 10.67 -12.09 0.97
CA ILE A 340 10.57 -11.96 2.40
C ILE A 340 10.69 -13.22 3.27
N SER A 341 10.44 -14.40 2.70
CA SER A 341 10.52 -15.62 3.48
C SER A 341 10.64 -16.86 2.60
N PRO A 342 11.24 -17.94 3.14
CA PRO A 342 11.38 -19.16 2.32
C PRO A 342 10.02 -19.67 1.85
N SER A 343 9.01 -19.47 2.69
CA SER A 343 7.63 -19.86 2.35
C SER A 343 7.16 -19.22 1.05
N ALA A 344 7.43 -17.93 0.90
CA ALA A 344 6.99 -17.23 -0.29
C ALA A 344 7.61 -17.85 -1.53
N VAL A 345 8.82 -18.37 -1.39
CA VAL A 345 9.48 -18.99 -2.55
C VAL A 345 8.84 -20.36 -2.77
N ASP A 346 8.60 -21.09 -1.68
CA ASP A 346 7.98 -22.41 -1.79
C ASP A 346 6.71 -22.31 -2.61
N GLU A 347 5.83 -21.38 -2.23
CA GLU A 347 4.56 -21.19 -2.90
C GLU A 347 4.74 -20.84 -4.36
N MET A 348 5.73 -20.02 -4.66
CA MET A 348 5.97 -19.65 -6.05
C MET A 348 6.37 -20.89 -6.87
N MET A 349 7.24 -21.72 -6.30
CA MET A 349 7.70 -22.93 -7.00
C MET A 349 6.52 -23.86 -7.26
N ALA A 350 5.71 -24.07 -6.22
CA ALA A 350 4.53 -24.92 -6.32
C ALA A 350 3.58 -24.37 -7.39
N ALA A 351 3.42 -23.05 -7.40
CA ALA A 351 2.55 -22.41 -8.37
C ALA A 351 3.06 -22.59 -9.79
N ILE A 352 4.38 -22.63 -9.95
CA ILE A 352 4.93 -22.81 -11.28
C ILE A 352 4.76 -24.26 -11.73
N GLU A 353 4.86 -25.18 -10.79
CA GLU A 353 4.68 -26.58 -11.14
C GLU A 353 3.24 -26.77 -11.59
N ASP A 354 2.31 -26.23 -10.80
CA ASP A 354 0.89 -26.32 -11.11
C ASP A 354 0.64 -25.83 -12.52
N ALA A 355 1.23 -24.69 -12.86
CA ALA A 355 1.08 -24.11 -14.17
C ALA A 355 1.58 -25.06 -15.26
N VAL A 356 2.76 -25.63 -15.04
CA VAL A 356 3.37 -26.55 -16.00
C VAL A 356 2.52 -27.81 -16.20
N GLU A 357 2.01 -28.33 -15.09
CA GLU A 357 1.16 -29.50 -15.11
C GLU A 357 -0.13 -29.24 -15.88
N LYS A 358 -0.62 -28.01 -15.85
CA LYS A 358 -1.85 -27.69 -16.55
C LYS A 358 -1.63 -27.20 -17.96
N GLY A 359 -0.44 -27.46 -18.51
CA GLY A 359 -0.16 -27.06 -19.87
C GLY A 359 0.72 -25.85 -20.01
N GLY A 360 1.20 -25.33 -18.89
CA GLY A 360 2.03 -24.15 -18.93
C GLY A 360 3.50 -24.42 -19.22
N ARG A 361 4.15 -23.45 -19.86
CA ARG A 361 5.56 -23.56 -20.19
C ARG A 361 6.38 -22.34 -19.77
N VAL A 362 7.40 -22.58 -18.95
CA VAL A 362 8.29 -21.53 -18.48
C VAL A 362 9.06 -20.93 -19.65
N LEU A 363 9.03 -19.60 -19.77
CA LEU A 363 9.73 -18.91 -20.86
C LEU A 363 10.97 -18.18 -20.34
N ALA A 364 11.09 -18.12 -19.02
CA ALA A 364 12.22 -17.46 -18.38
C ALA A 364 12.17 -17.79 -16.90
N GLY A 365 13.35 -17.94 -16.27
CA GLY A 365 13.40 -18.25 -14.86
C GLY A 365 12.99 -19.66 -14.50
N GLY A 366 12.45 -19.83 -13.31
CA GLY A 366 12.00 -21.14 -12.86
C GLY A 366 12.93 -21.74 -11.83
N ARG A 367 14.15 -21.22 -11.77
CA ARG A 367 15.13 -21.74 -10.85
C ARG A 367 15.18 -21.05 -9.51
N ARG A 368 14.98 -21.84 -8.46
CA ARG A 368 15.08 -21.36 -7.10
C ARG A 368 16.59 -21.30 -6.84
N LEU A 369 17.08 -20.21 -6.23
CA LEU A 369 18.52 -20.07 -5.98
C LEU A 369 18.90 -20.17 -4.52
N GLY A 370 17.93 -20.42 -3.65
CA GLY A 370 18.23 -20.53 -2.23
C GLY A 370 16.93 -20.45 -1.45
N PRO A 371 17.00 -20.55 -0.11
CA PRO A 371 15.77 -20.48 0.70
C PRO A 371 14.90 -19.26 0.33
N THR A 372 15.52 -18.10 0.16
CA THR A 372 14.76 -16.91 -0.15
C THR A 372 15.10 -16.27 -1.49
N TYR A 373 15.79 -16.98 -2.37
CA TYR A 373 16.12 -16.40 -3.67
C TYR A 373 15.52 -17.21 -4.81
N VAL A 374 15.08 -16.50 -5.86
CA VAL A 374 14.49 -17.14 -7.04
C VAL A 374 14.68 -16.25 -8.24
N GLN A 375 14.49 -16.84 -9.42
CA GLN A 375 14.62 -16.06 -10.64
C GLN A 375 13.25 -15.54 -11.08
N PRO A 376 13.19 -14.31 -11.61
CA PRO A 376 11.91 -13.77 -12.07
C PRO A 376 11.40 -14.74 -13.15
N THR A 377 10.26 -15.39 -12.90
CA THR A 377 9.71 -16.37 -13.84
C THR A 377 8.53 -15.90 -14.69
N PHE A 378 8.56 -16.26 -15.97
CA PHE A 378 7.53 -15.90 -16.93
C PHE A 378 6.99 -17.21 -17.55
N VAL A 379 5.77 -17.58 -17.17
CA VAL A 379 5.15 -18.82 -17.64
C VAL A 379 4.07 -18.62 -18.70
N GLU A 380 4.31 -19.19 -19.88
CA GLU A 380 3.33 -19.08 -20.95
C GLU A 380 2.21 -20.08 -20.67
N ALA A 381 0.99 -19.72 -21.03
CA ALA A 381 -0.15 -20.60 -20.80
C ALA A 381 -1.22 -20.41 -21.87
N PRO A 382 -1.84 -21.53 -22.31
CA PRO A 382 -2.90 -21.42 -23.33
C PRO A 382 -4.17 -20.89 -22.67
N ALA A 383 -4.86 -19.99 -23.35
CA ALA A 383 -6.08 -19.39 -22.81
C ALA A 383 -7.08 -20.40 -22.24
N ASP A 384 -7.24 -21.53 -22.92
CA ASP A 384 -8.18 -22.57 -22.50
C ASP A 384 -7.79 -23.32 -21.24
N ARG A 385 -6.61 -23.05 -20.69
CA ARG A 385 -6.22 -23.75 -19.48
C ARG A 385 -5.78 -22.85 -18.34
N VAL A 386 -5.34 -21.64 -18.69
CA VAL A 386 -4.85 -20.68 -17.70
C VAL A 386 -5.79 -20.41 -16.54
N LYS A 387 -7.08 -20.26 -16.83
CA LYS A 387 -8.06 -19.98 -15.79
C LYS A 387 -8.06 -20.93 -14.60
N ASP A 388 -7.60 -22.16 -14.78
CA ASP A 388 -7.59 -23.08 -13.65
C ASP A 388 -6.22 -23.12 -12.94
N MET A 389 -5.24 -22.41 -13.50
CA MET A 389 -3.90 -22.37 -12.93
C MET A 389 -3.82 -21.53 -11.66
N VAL A 390 -3.13 -22.04 -10.66
CA VAL A 390 -2.95 -21.34 -9.39
C VAL A 390 -2.43 -19.92 -9.60
N LEU A 391 -1.51 -19.74 -10.54
CA LEU A 391 -0.94 -18.43 -10.84
C LEU A 391 -1.98 -17.44 -11.34
N TYR A 392 -3.07 -17.96 -11.87
CA TYR A 392 -4.13 -17.09 -12.38
C TYR A 392 -5.15 -16.85 -11.28
N LYS A 393 -5.62 -17.94 -10.69
CA LYS A 393 -6.64 -17.90 -9.65
C LYS A 393 -6.22 -17.20 -8.39
N ARG A 394 -4.93 -17.23 -8.09
CA ARG A 394 -4.45 -16.63 -6.87
C ARG A 394 -3.40 -15.57 -7.11
N GLU A 395 -2.99 -14.94 -6.03
CA GLU A 395 -1.92 -13.96 -6.12
C GLU A 395 -0.70 -14.68 -5.54
N VAL A 396 0.29 -14.93 -6.38
CA VAL A 396 1.52 -15.56 -5.88
C VAL A 396 2.49 -14.40 -5.71
N PHE A 397 2.67 -13.98 -4.45
CA PHE A 397 3.52 -12.84 -4.16
C PHE A 397 5.00 -13.15 -4.39
N ALA A 398 5.37 -13.04 -5.65
CA ALA A 398 6.70 -13.37 -6.09
C ALA A 398 6.86 -12.82 -7.49
N PRO A 399 8.09 -12.82 -8.00
CA PRO A 399 8.31 -12.29 -9.36
C PRO A 399 7.93 -13.36 -10.39
N VAL A 400 6.63 -13.52 -10.59
CA VAL A 400 6.13 -14.50 -11.54
C VAL A 400 4.84 -14.04 -12.20
N ALA A 401 4.82 -14.15 -13.52
CA ALA A 401 3.67 -13.76 -14.31
C ALA A 401 3.38 -14.81 -15.38
N LEU A 402 2.13 -14.85 -15.84
CA LEU A 402 1.68 -15.76 -16.89
C LEU A 402 1.60 -14.94 -18.16
N ALA A 403 1.80 -15.59 -19.30
CA ALA A 403 1.69 -14.92 -20.59
C ALA A 403 0.62 -15.72 -21.35
N VAL A 404 -0.36 -15.02 -21.91
CA VAL A 404 -1.46 -15.66 -22.62
C VAL A 404 -1.79 -14.94 -23.90
N GLU A 405 -1.71 -15.66 -25.02
CA GLU A 405 -2.02 -15.08 -26.31
C GLU A 405 -3.54 -14.99 -26.45
N VAL A 406 -4.04 -13.89 -27.02
CA VAL A 406 -5.49 -13.71 -27.17
C VAL A 406 -5.82 -13.25 -28.57
N LYS A 407 -7.04 -13.58 -29.04
CA LYS A 407 -7.49 -13.24 -30.39
C LYS A 407 -7.73 -11.75 -30.56
N ASP A 408 -8.42 -11.17 -29.59
CA ASP A 408 -8.77 -9.76 -29.62
C ASP A 408 -8.98 -9.13 -28.26
N LEU A 409 -9.30 -7.84 -28.28
CA LEU A 409 -9.54 -7.08 -27.07
C LEU A 409 -10.58 -7.74 -26.15
N ASP A 410 -11.71 -8.16 -26.70
CA ASP A 410 -12.74 -8.79 -25.87
C ASP A 410 -12.23 -9.98 -25.08
N GLN A 411 -11.41 -10.81 -25.70
CA GLN A 411 -10.89 -11.95 -24.96
C GLN A 411 -9.86 -11.49 -23.89
N ALA A 412 -9.03 -10.51 -24.25
CA ALA A 412 -8.05 -9.98 -23.31
C ALA A 412 -8.82 -9.47 -22.09
N ILE A 413 -9.84 -8.64 -22.35
CA ILE A 413 -10.65 -8.07 -21.28
C ILE A 413 -11.31 -9.14 -20.43
N GLU A 414 -11.89 -10.12 -21.10
CA GLU A 414 -12.55 -11.22 -20.41
C GLU A 414 -11.56 -11.95 -19.52
N LEU A 415 -10.40 -12.30 -20.07
CA LEU A 415 -9.38 -12.99 -19.28
C LEU A 415 -8.87 -12.08 -18.15
N ALA A 416 -8.64 -10.81 -18.47
CA ALA A 416 -8.18 -9.89 -17.43
C ALA A 416 -9.20 -9.85 -16.28
N ASN A 417 -10.50 -9.80 -16.61
CA ASN A 417 -11.51 -9.74 -15.55
C ASN A 417 -11.79 -11.07 -14.89
N GLY A 418 -11.20 -12.14 -15.41
CA GLY A 418 -11.44 -13.46 -14.84
C GLY A 418 -10.76 -13.78 -13.53
N ARG A 419 -9.78 -12.98 -13.13
CA ARG A 419 -9.13 -13.25 -11.84
C ARG A 419 -10.08 -12.67 -10.80
N PRO A 420 -9.96 -13.11 -9.54
CA PRO A 420 -10.85 -12.59 -8.49
C PRO A 420 -10.53 -11.17 -8.02
N TYR A 421 -9.38 -10.66 -8.47
CA TYR A 421 -8.91 -9.33 -8.06
C TYR A 421 -9.26 -8.25 -9.06
N GLY A 422 -9.11 -7.00 -8.63
CA GLY A 422 -9.38 -5.89 -9.51
C GLY A 422 -8.73 -4.63 -9.00
N LEU A 423 -7.40 -4.71 -8.79
CA LEU A 423 -6.63 -3.56 -8.31
C LEU A 423 -6.31 -2.60 -9.44
N ASP A 424 -5.37 -2.98 -10.30
CA ASP A 424 -5.07 -2.13 -11.45
C ASP A 424 -5.01 -3.05 -12.65
N ALA A 425 -4.82 -2.43 -13.82
CA ALA A 425 -4.68 -3.15 -15.05
C ALA A 425 -3.87 -2.20 -15.90
N ALA A 426 -3.10 -2.74 -16.84
CA ALA A 426 -2.31 -1.92 -17.75
C ALA A 426 -2.76 -2.23 -19.17
N VAL A 427 -2.77 -1.21 -20.01
CA VAL A 427 -3.14 -1.37 -21.40
C VAL A 427 -2.15 -0.61 -22.29
N PHE A 428 -1.44 -1.32 -23.15
CA PHE A 428 -0.51 -0.66 -24.07
C PHE A 428 -1.14 -0.72 -25.44
N GLY A 429 -1.25 0.43 -26.09
CA GLY A 429 -1.88 0.48 -27.38
C GLY A 429 -2.09 1.94 -27.67
N ARG A 430 -2.52 2.26 -28.88
CA ARG A 430 -2.72 3.65 -29.24
C ARG A 430 -4.15 4.04 -29.66
N ASP A 431 -4.93 3.07 -30.13
CA ASP A 431 -6.29 3.33 -30.61
C ASP A 431 -7.27 3.79 -29.51
N VAL A 432 -7.74 5.03 -29.59
CA VAL A 432 -8.64 5.57 -28.58
C VAL A 432 -9.91 4.76 -28.32
N VAL A 433 -10.50 4.19 -29.36
CA VAL A 433 -11.69 3.40 -29.17
C VAL A 433 -11.41 2.11 -28.40
N LYS A 434 -10.39 1.37 -28.81
CA LYS A 434 -10.11 0.13 -28.09
C LYS A 434 -9.75 0.46 -26.65
N ILE A 435 -8.99 1.55 -26.46
CA ILE A 435 -8.59 1.93 -25.11
C ILE A 435 -9.83 2.31 -24.31
N ARG A 436 -10.69 3.15 -24.87
CA ARG A 436 -11.90 3.53 -24.14
C ARG A 436 -12.72 2.30 -23.75
N ARG A 437 -12.87 1.34 -24.66
CA ARG A 437 -13.62 0.12 -24.35
C ARG A 437 -12.98 -0.59 -23.17
N ALA A 438 -11.66 -0.74 -23.22
CA ALA A 438 -10.92 -1.42 -22.15
C ALA A 438 -11.11 -0.72 -20.80
N VAL A 439 -11.01 0.60 -20.83
CA VAL A 439 -11.17 1.40 -19.63
C VAL A 439 -12.58 1.17 -19.07
N ARG A 440 -13.58 1.10 -19.95
CA ARG A 440 -14.92 0.89 -19.45
C ARG A 440 -15.12 -0.51 -18.88
N LEU A 441 -14.66 -1.52 -19.60
CA LEU A 441 -14.89 -2.90 -19.14
C LEU A 441 -13.96 -3.55 -18.11
N LEU A 442 -12.74 -3.04 -17.95
CA LEU A 442 -11.84 -3.64 -16.95
C LEU A 442 -12.37 -3.32 -15.56
N GLU A 443 -12.64 -4.34 -14.76
CA GLU A 443 -13.16 -4.07 -13.43
C GLU A 443 -12.01 -3.90 -12.43
N VAL A 444 -11.39 -2.73 -12.46
CA VAL A 444 -10.27 -2.43 -11.58
C VAL A 444 -10.38 -1.00 -11.08
N GLY A 445 -9.71 -0.73 -9.96
CA GLY A 445 -9.72 0.62 -9.43
C GLY A 445 -8.95 1.57 -10.33
N ALA A 446 -7.92 1.07 -11.02
CA ALA A 446 -7.12 1.94 -11.87
C ALA A 446 -6.55 1.26 -13.11
N ILE A 447 -6.56 1.99 -14.21
CA ILE A 447 -6.03 1.49 -15.44
C ILE A 447 -4.90 2.42 -15.88
N TYR A 448 -3.77 1.80 -16.23
CA TYR A 448 -2.60 2.54 -16.67
C TYR A 448 -2.44 2.35 -18.17
N ILE A 449 -2.55 3.44 -18.89
CA ILE A 449 -2.42 3.42 -20.31
C ILE A 449 -0.96 3.66 -20.64
N ASN A 450 -0.38 2.74 -21.41
CA ASN A 450 1.00 2.81 -21.85
C ASN A 450 2.07 2.95 -20.78
N ASP A 451 1.84 2.28 -19.66
CA ASP A 451 2.81 2.30 -18.60
C ASP A 451 2.48 1.15 -17.69
N MET A 452 3.45 0.74 -16.89
CA MET A 452 3.21 -0.32 -15.95
C MET A 452 2.45 0.30 -14.79
N PRO A 453 1.71 -0.52 -14.04
CA PRO A 453 0.97 0.02 -12.90
C PRO A 453 2.00 0.45 -11.83
N ARG A 454 1.85 1.66 -11.32
CA ARG A 454 2.74 2.18 -10.28
C ARG A 454 1.95 3.21 -9.46
N HIS A 455 1.59 2.82 -8.25
CA HIS A 455 0.87 3.71 -7.37
C HIS A 455 1.68 4.92 -6.97
N GLY A 456 3.01 4.79 -6.97
CA GLY A 456 3.86 5.92 -6.59
C GLY A 456 3.48 6.43 -5.21
N ILE A 457 3.35 7.74 -5.08
CA ILE A 457 2.98 8.29 -3.79
C ILE A 457 1.48 8.55 -3.71
N GLY A 458 0.75 8.14 -4.75
CA GLY A 458 -0.68 8.34 -4.77
C GLY A 458 -1.09 9.66 -5.38
N TYR A 459 -0.25 10.17 -6.28
CA TYR A 459 -0.56 11.40 -6.96
C TYR A 459 -1.93 11.18 -7.63
N TYR A 460 -2.14 9.96 -8.12
CA TYR A 460 -3.40 9.55 -8.71
C TYR A 460 -3.96 8.55 -7.72
N PRO A 461 -5.26 8.64 -7.39
CA PRO A 461 -5.85 7.71 -6.42
C PRO A 461 -5.91 6.28 -6.92
N PHE A 462 -5.80 5.33 -6.00
CA PHE A 462 -5.82 3.93 -6.37
C PHE A 462 -6.48 3.11 -5.28
N GLY A 463 -6.88 1.90 -5.63
CA GLY A 463 -7.56 1.04 -4.68
C GLY A 463 -8.26 -0.07 -5.42
N GLY A 464 -8.86 -0.99 -4.69
CA GLY A 464 -9.47 -2.10 -5.38
C GLY A 464 -10.95 -2.23 -5.69
N ARG A 465 -11.20 -3.23 -6.53
CA ARG A 465 -12.51 -3.65 -6.94
C ARG A 465 -12.49 -5.13 -6.61
N LYS A 466 -13.66 -5.74 -6.50
CA LYS A 466 -13.74 -7.16 -6.24
C LYS A 466 -12.94 -7.51 -5.02
N LYS A 467 -12.14 -8.57 -5.10
CA LYS A 467 -11.31 -9.01 -3.96
C LYS A 467 -10.15 -8.05 -3.60
N SER A 468 -9.86 -7.08 -4.45
CA SER A 468 -8.77 -6.17 -4.15
C SER A 468 -9.14 -5.11 -3.13
N GLY A 469 -10.36 -5.20 -2.58
CA GLY A 469 -10.79 -4.26 -1.55
C GLY A 469 -11.82 -3.19 -1.89
N VAL A 470 -11.87 -2.17 -1.04
CA VAL A 470 -12.79 -1.08 -1.23
C VAL A 470 -12.15 0.25 -0.84
N PHE A 471 -12.66 1.34 -1.42
CA PHE A 471 -12.16 2.68 -1.14
C PHE A 471 -10.82 2.99 -1.77
N ARG A 472 -10.43 4.26 -1.77
CA ARG A 472 -9.18 4.63 -2.41
C ARG A 472 -8.20 5.38 -1.51
N GLU A 473 -6.93 5.29 -1.85
CA GLU A 473 -5.90 6.07 -1.16
C GLU A 473 -5.39 6.99 -2.24
N GLY A 474 -4.89 8.16 -1.87
CA GLY A 474 -4.36 9.06 -2.85
C GLY A 474 -4.33 10.44 -2.27
N ILE A 475 -3.53 11.31 -2.86
CA ILE A 475 -3.44 12.67 -2.41
C ILE A 475 -4.80 13.33 -2.64
N GLY A 476 -5.42 13.76 -1.55
CA GLY A 476 -6.72 14.40 -1.65
C GLY A 476 -7.83 13.39 -1.41
N TYR A 477 -7.82 12.31 -2.18
CA TYR A 477 -8.86 11.29 -2.05
C TYR A 477 -8.89 10.49 -0.75
N ALA A 478 -7.75 10.36 -0.07
CA ALA A 478 -7.74 9.59 1.16
C ALA A 478 -8.57 10.26 2.25
N VAL A 479 -8.90 11.52 2.04
CA VAL A 479 -9.71 12.27 3.00
C VAL A 479 -11.00 11.50 3.30
N GLU A 480 -11.57 10.86 2.29
CA GLU A 480 -12.82 10.14 2.46
C GLU A 480 -12.75 9.00 3.48
N ALA A 481 -11.57 8.43 3.67
CA ALA A 481 -11.44 7.32 4.61
C ALA A 481 -11.17 7.71 6.06
N VAL A 482 -10.68 8.90 6.29
CA VAL A 482 -10.31 9.26 7.65
C VAL A 482 -11.04 10.47 8.13
N THR A 483 -12.09 10.79 7.39
CA THR A 483 -12.87 11.96 7.67
C THR A 483 -14.37 11.61 7.60
N ALA A 484 -15.19 12.32 8.35
CA ALA A 484 -16.63 12.13 8.30
C ALA A 484 -17.24 13.48 7.94
N TYR A 485 -18.39 13.45 7.27
CA TYR A 485 -19.06 14.69 6.91
C TYR A 485 -19.82 15.18 8.13
N LYS A 486 -20.07 16.47 8.16
CA LYS A 486 -20.86 17.05 9.23
C LYS A 486 -21.74 18.04 8.48
N THR A 487 -23.04 17.83 8.60
CA THR A 487 -24.01 18.71 7.93
C THR A 487 -24.63 19.65 8.95
N ILE A 488 -24.66 20.93 8.62
CA ILE A 488 -25.28 21.92 9.47
C ILE A 488 -26.41 22.53 8.61
N VAL A 489 -27.65 22.36 9.07
CA VAL A 489 -28.83 22.89 8.36
C VAL A 489 -29.35 24.10 9.14
N PHE A 490 -29.50 25.22 8.46
CA PHE A 490 -30.00 26.43 9.10
C PHE A 490 -31.42 26.69 8.68
N ASN A 491 -32.30 26.92 9.65
CA ASN A 491 -33.69 27.20 9.38
C ASN A 491 -34.00 28.68 9.53
N TYR A 492 -34.41 29.34 8.45
CA TYR A 492 -34.77 30.75 8.51
C TYR A 492 -36.24 30.94 8.06
N LYS A 493 -37.04 29.86 8.13
CA LYS A 493 -38.45 29.95 7.72
C LYS A 493 -39.18 31.07 8.47
N GLY A 494 -39.80 31.94 7.70
CA GLY A 494 -40.54 33.06 8.25
C GLY A 494 -39.70 34.11 8.92
N LYS A 495 -38.37 34.01 8.83
CA LYS A 495 -37.51 34.97 9.50
C LYS A 495 -37.19 36.21 8.71
N GLY A 496 -37.70 36.32 7.49
CA GLY A 496 -37.45 37.52 6.70
C GLY A 496 -36.12 37.65 5.99
N VAL A 497 -35.40 36.55 5.84
CA VAL A 497 -34.14 36.60 5.13
C VAL A 497 -34.53 36.66 3.64
N TRP A 498 -35.36 35.70 3.24
CA TRP A 498 -35.88 35.61 1.87
C TRP A 498 -37.36 36.04 1.87
N LYS A 499 -37.87 36.40 0.68
CA LYS A 499 -39.26 36.81 0.52
C LYS A 499 -39.92 35.80 -0.43
N TYR A 500 -40.14 34.60 0.09
CA TYR A 500 -40.74 33.50 -0.66
C TYR A 500 -39.72 33.06 -1.73
N GLU A 501 -38.57 32.52 -1.30
CA GLU A 501 -37.51 32.09 -2.22
C GLU A 501 -36.26 31.65 -1.47
PA NAP B . -0.76 -9.32 5.13
O1A NAP B . -2.17 -9.52 4.74
O2A NAP B . -0.24 -10.39 5.97
O5B NAP B . -0.44 -8.01 5.93
C5B NAP B . -1.25 -7.84 7.01
C4B NAP B . -0.94 -6.68 7.89
O4B NAP B . -2.01 -6.97 8.80
C3B NAP B . 0.35 -6.98 8.65
O3B NAP B . 0.82 -5.77 9.31
C2B NAP B . -0.10 -8.00 9.64
O2B NAP B . 0.82 -8.15 10.72
C1B NAP B . -1.51 -7.54 10.02
N9A NAP B . -2.37 -8.65 10.42
C8A NAP B . -2.25 -10.00 10.12
N7A NAP B . -3.28 -10.69 10.70
C5A NAP B . -4.01 -9.76 11.31
C6A NAP B . -5.18 -9.93 12.05
N6A NAP B . -5.73 -11.12 12.24
N1A NAP B . -5.79 -8.79 12.61
C2A NAP B . -5.24 -7.57 12.43
N3A NAP B . -4.11 -7.41 11.72
C4A NAP B . -3.46 -8.49 11.14
O3 NAP B . 0.18 -9.35 3.84
PN NAP B . 1.67 -9.04 3.62
O1N NAP B . 2.22 -10.42 3.55
O2N NAP B . 2.29 -8.36 4.79
O5D NAP B . 1.93 -8.49 2.13
C5D NAP B . 1.21 -7.50 1.51
C4D NAP B . -0.09 -8.05 0.96
O4D NAP B . -0.88 -6.89 0.84
C3D NAP B . -0.03 -8.64 -0.48
O3D NAP B . -1.15 -9.59 -0.72
C2D NAP B . -0.16 -7.41 -1.36
O2D NAP B . -0.67 -7.72 -2.67
C1D NAP B . -1.07 -6.54 -0.55
N1N NAP B . -0.81 -5.14 -0.79
C2N NAP B . -1.91 -4.41 -1.34
C3N NAP B . -1.73 -3.06 -1.67
C7N NAP B . -2.90 -2.25 -2.28
O7N NAP B . -2.74 -1.06 -2.59
N7N NAP B . -4.01 -2.94 -2.43
C4N NAP B . -0.44 -2.43 -1.45
C5N NAP B . 0.69 -3.17 -0.89
C6N NAP B . 0.47 -4.53 -0.57
P2B NAP B . 1.91 -9.37 10.83
O1X NAP B . 3.06 -8.94 9.89
O2X NAP B . 2.22 -9.48 12.27
O3X NAP B . 1.20 -10.60 10.23
C1 G1P C . -10.99 19.90 10.99
C2 G1P C . -9.54 20.24 11.09
C3 G1P C . -9.18 21.53 10.36
C4 G1P C . -9.66 21.41 8.92
C5 G1P C . -11.17 21.28 8.87
C6 G1P C . -11.73 21.07 7.46
O1 G1P C . -12.01 20.29 12.02
O2 G1P C . -9.12 20.31 12.48
O3 G1P C . -7.75 21.65 10.46
O4 G1P C . -9.24 22.67 8.38
O5 G1P C . -11.68 20.26 9.71
O6 G1P C . -13.17 20.95 7.50
P G1P C . -12.31 21.45 13.20
O1P G1P C . -11.36 21.45 14.44
O2P G1P C . -12.51 23.02 12.60
O3P G1P C . -13.79 21.02 13.80
NA NA D . -17.17 -2.97 16.30
#